data_4QVR
#
_entry.id   4QVR
#
_cell.length_a   36.006
_cell.length_b   47.424
_cell.length_c   55.115
_cell.angle_alpha   91.00
_cell.angle_beta   102.19
_cell.angle_gamma   99.50
#
_symmetry.space_group_name_H-M   'P 1'
#
loop_
_entity.id
_entity.type
_entity.pdbx_description
1 polymer 'Uncharacterized hypothetical protein FTT_1539c'
2 water water
#
_entity_poly.entity_id   1
_entity_poly.type   'polypeptide(L)'
_entity_poly.pdbx_seq_one_letter_code
;(MSE)HHHHHHSSGVDLGTENLYFQSNA(MSE)KKKILTSLIASSLLAISLFAADDTVVDSKTTQQQTQAKVD(MSE)GA
DVANLNNAISTDSKPVATTSQDKRSAEEILNDV(MSE)ENYIDQNNLRDRYDYVGSAIGTASVNQTNSNYVDSAQLAFEK
ALIKAQAEYISFISANTKVDKSLNIDSTQGSTANEIDTDADKPKQGTQAAIDAKQKALDEAKLDNQLKEQGLNPNDFATP
EEKKKALLSQQ(MSE)TIKSLTTGFGNLSGLLPIKTFVVEKDGNAAIGVVVIYSDKIKG(MSE)FEDIKHGNEPVIVGKG
GQSPSDLYKDKSGED(MSE)(MSE)GDYGIRVGFGEDNKPYILAYGQGSYNGPSIQGVSAGDYGYKQAAI(MSE)ARANL
VTLIAGQ(MSE)STQEALT(MSE)SEDISSTLAKNTKTQQTRRIDATDIEKTLSTYYKTKANLDIVGLKTVKRWRYKLPG
TENIVYGVVLKWDPKQVATANKIKNFSYDEYRKQNTQNTESGQSSLNGKVIIRQSDDNKYLNQY
;
_entity_poly.pdbx_strand_id   A
#
# COMPACT_ATOMS: atom_id res chain seq x y z
N ASP A 65 21.34 10.56 6.38
CA ASP A 65 21.83 9.38 5.61
C ASP A 65 20.73 8.32 5.52
N MSE A 66 20.69 7.56 4.43
CA MSE A 66 19.70 6.48 4.28
C MSE A 66 20.31 5.20 4.82
O MSE A 66 19.61 4.23 5.11
CB MSE A 66 19.23 6.37 2.83
CG MSE A 66 17.69 6.33 2.72
SE MSE A 66 16.93 7.93 1.81
CE MSE A 66 17.75 9.38 2.88
N GLY A 67 21.63 5.22 4.97
CA GLY A 67 22.43 4.09 5.49
C GLY A 67 21.73 2.82 5.91
N ALA A 68 21.13 2.85 7.10
CA ALA A 68 20.48 1.68 7.70
C ALA A 68 19.58 0.90 6.75
N ASP A 69 18.57 1.57 6.24
CA ASP A 69 17.58 0.92 5.41
C ASP A 69 18.07 0.41 4.04
N VAL A 70 19.20 0.90 3.53
CA VAL A 70 19.70 0.44 2.21
C VAL A 70 19.78 -1.10 2.19
N ALA A 71 20.24 -1.69 3.29
CA ALA A 71 20.33 -3.15 3.43
C ALA A 71 18.98 -3.73 3.87
N ASN A 72 18.14 -2.92 4.51
CA ASN A 72 16.82 -3.39 4.94
C ASN A 72 15.89 -3.49 3.74
N LEU A 73 15.81 -2.41 2.97
CA LEU A 73 14.95 -2.38 1.79
C LEU A 73 15.48 -3.31 0.70
N ASN A 74 16.80 -3.35 0.48
CA ASN A 74 17.36 -4.25 -0.54
C ASN A 74 17.24 -5.72 -0.13
N ASN A 75 17.48 -6.04 1.13
CA ASN A 75 17.37 -7.44 1.56
C ASN A 75 15.93 -7.95 1.50
N ALA A 76 14.97 -7.05 1.74
CA ALA A 76 13.55 -7.40 1.69
C ALA A 76 13.17 -7.80 0.26
N ILE A 77 13.68 -7.04 -0.72
CA ILE A 77 13.47 -7.35 -2.12
C ILE A 77 14.04 -8.75 -2.46
N SER A 78 15.23 -9.06 -1.94
CA SER A 78 15.91 -10.33 -2.23
C SER A 78 15.37 -11.62 -1.58
N THR A 79 14.54 -11.51 -0.54
CA THR A 79 13.98 -12.71 0.12
C THR A 79 13.02 -13.45 -0.81
N ASP A 80 12.99 -14.78 -0.71
CA ASP A 80 12.08 -15.60 -1.52
C ASP A 80 10.65 -15.28 -1.12
N SER A 81 9.73 -15.39 -2.09
CA SER A 81 8.31 -15.15 -1.85
C SER A 81 7.44 -16.28 -2.44
N LYS A 82 7.65 -17.48 -1.92
CA LYS A 82 6.89 -18.66 -2.36
C LYS A 82 5.45 -18.61 -1.80
N PRO A 83 4.49 -19.24 -2.48
CA PRO A 83 3.15 -19.28 -1.90
C PRO A 83 3.23 -19.94 -0.53
N VAL A 84 2.58 -19.34 0.45
CA VAL A 84 2.62 -19.92 1.79
C VAL A 84 2.10 -21.34 1.73
N ALA A 85 2.93 -22.30 2.13
CA ALA A 85 2.55 -23.72 2.15
C ALA A 85 1.62 -23.98 3.34
N THR A 86 0.69 -24.92 3.14
CA THR A 86 -0.28 -25.26 4.18
C THR A 86 -0.77 -26.68 4.00
N THR A 87 -0.35 -27.55 4.92
CA THR A 87 -0.73 -28.97 4.91
C THR A 87 -2.25 -29.18 4.97
N SER A 88 -2.68 -30.40 4.68
CA SER A 88 -4.10 -30.76 4.73
C SER A 88 -4.60 -30.69 6.19
N GLN A 89 -3.71 -31.04 7.11
CA GLN A 89 -3.98 -31.06 8.56
C GLN A 89 -4.03 -29.67 9.22
N ASP A 90 -3.50 -28.65 8.54
CA ASP A 90 -3.51 -27.27 9.06
C ASP A 90 -4.93 -26.78 9.04
N LYS A 91 -5.50 -26.55 10.21
CA LYS A 91 -6.89 -26.10 10.33
C LYS A 91 -7.08 -24.58 10.32
N ARG A 92 -6.00 -23.83 10.16
CA ARG A 92 -6.11 -22.40 10.17
C ARG A 92 -6.85 -21.87 8.94
N SER A 93 -7.51 -20.73 9.13
CA SER A 93 -8.14 -20.04 8.04
C SER A 93 -7.03 -19.24 7.33
N ALA A 94 -7.34 -18.78 6.14
CA ALA A 94 -6.41 -17.95 5.37
C ALA A 94 -5.93 -16.76 6.20
N GLU A 95 -6.84 -16.14 6.94
CA GLU A 95 -6.50 -14.98 7.72
C GLU A 95 -5.51 -15.30 8.86
N GLU A 96 -5.66 -16.46 9.48
CA GLU A 96 -4.79 -16.90 10.56
C GLU A 96 -3.43 -17.30 10.01
N ILE A 97 -3.39 -17.93 8.83
CA ILE A 97 -2.13 -18.31 8.24
C ILE A 97 -1.36 -17.03 7.95
N LEU A 98 -1.99 -16.07 7.28
CA LEU A 98 -1.33 -14.81 6.94
C LEU A 98 -0.88 -13.97 8.17
N ASN A 99 -1.74 -13.86 9.18
CA ASN A 99 -1.35 -13.17 10.41
C ASN A 99 -0.14 -13.84 11.03
N ASP A 100 -0.09 -15.17 11.06
CA ASP A 100 1.05 -15.86 11.65
C ASP A 100 2.32 -15.58 10.88
N VAL A 101 2.29 -15.75 9.58
N VAL A 101 2.28 -15.73 9.57
CA VAL A 101 3.49 -15.52 8.79
CA VAL A 101 3.46 -15.52 8.78
C VAL A 101 3.91 -14.03 8.80
C VAL A 101 3.90 -14.04 8.81
N MSE A 102 2.96 -13.11 8.85
CA MSE A 102 3.35 -11.70 8.90
C MSE A 102 3.92 -11.34 10.24
O MSE A 102 4.91 -10.65 10.29
CB MSE A 102 2.26 -10.74 8.46
CG MSE A 102 1.95 -10.99 6.99
SE MSE A 102 0.56 -9.70 6.52
CE MSE A 102 -0.99 -10.07 7.65
N GLU A 103 3.29 -11.77 11.34
CA GLU A 103 3.80 -11.50 12.71
C GLU A 103 5.25 -12.05 12.86
N ASN A 104 5.46 -13.27 12.43
CA ASN A 104 6.78 -13.87 12.42
C ASN A 104 7.79 -13.10 11.60
N TYR A 105 7.37 -12.63 10.44
CA TYR A 105 8.26 -11.84 9.60
C TYR A 105 8.65 -10.52 10.31
N ILE A 106 7.67 -9.87 10.91
CA ILE A 106 7.92 -8.63 11.59
C ILE A 106 8.88 -8.82 12.78
N ASP A 107 8.70 -9.92 13.51
CA ASP A 107 9.51 -10.23 14.70
C ASP A 107 10.91 -10.70 14.39
N GLN A 108 11.04 -11.65 13.50
CA GLN A 108 12.34 -12.18 13.16
C GLN A 108 13.25 -11.17 12.48
N ASN A 109 12.65 -10.12 11.90
CA ASN A 109 13.42 -9.05 11.30
C ASN A 109 13.49 -7.80 12.16
N ASN A 110 12.95 -7.85 13.38
CA ASN A 110 13.02 -6.73 14.32
C ASN A 110 12.60 -5.41 13.70
N LEU A 111 11.55 -5.50 12.86
CA LEU A 111 11.11 -4.34 12.15
C LEU A 111 10.62 -3.22 13.01
N ARG A 112 10.05 -3.52 14.18
N ARG A 112 10.06 -3.55 14.17
CA ARG A 112 9.56 -2.45 15.04
CA ARG A 112 9.54 -2.53 15.09
C ARG A 112 10.68 -1.70 15.75
C ARG A 112 10.67 -1.72 15.74
N ASP A 113 11.88 -2.26 15.75
CA ASP A 113 13.07 -1.58 16.32
C ASP A 113 13.70 -0.80 15.23
N ARG A 114 13.39 -1.15 13.97
CA ARG A 114 13.97 -0.45 12.83
C ARG A 114 13.12 0.69 12.31
N TYR A 115 11.77 0.60 12.41
CA TYR A 115 10.91 1.67 11.87
C TYR A 115 9.95 2.20 12.92
N ASP A 116 9.55 3.46 12.79
CA ASP A 116 8.64 4.08 13.76
C ASP A 116 7.23 3.51 13.68
N TYR A 117 6.89 2.95 12.55
CA TYR A 117 5.57 2.33 12.42
C TYR A 117 5.67 1.09 11.52
N VAL A 118 5.05 0.01 11.97
CA VAL A 118 4.98 -1.22 11.19
C VAL A 118 3.56 -1.68 11.27
N GLY A 119 2.99 -2.01 10.12
CA GLY A 119 1.62 -2.46 10.05
C GLY A 119 1.46 -3.65 9.13
N SER A 120 0.36 -4.33 9.29
CA SER A 120 0.05 -5.44 8.42
C SER A 120 -1.46 -5.49 8.14
N ALA A 121 -1.83 -5.97 6.95
CA ALA A 121 -3.24 -6.09 6.53
C ALA A 121 -3.42 -7.18 5.51
N ILE A 122 -4.64 -7.68 5.45
CA ILE A 122 -4.97 -8.76 4.59
C ILE A 122 -6.12 -8.35 3.73
N GLY A 123 -6.16 -8.89 2.52
CA GLY A 123 -7.29 -8.70 1.61
C GLY A 123 -7.53 -10.07 1.00
N THR A 124 -8.79 -10.35 0.62
N THR A 124 -8.76 -10.31 0.54
CA THR A 124 -9.19 -11.63 0.00
CA THR A 124 -9.13 -11.58 -0.05
C THR A 124 -10.20 -11.43 -1.14
C THR A 124 -10.04 -11.33 -1.26
N ALA A 125 -10.18 -12.33 -2.12
CA ALA A 125 -11.06 -12.25 -3.26
C ALA A 125 -11.38 -13.65 -3.64
N SER A 126 -12.55 -13.86 -4.26
CA SER A 126 -12.94 -15.23 -4.65
C SER A 126 -12.25 -15.54 -5.94
N VAL A 127 -12.04 -16.82 -6.20
CA VAL A 127 -11.50 -17.27 -7.49
C VAL A 127 -12.61 -18.07 -8.15
N ASN A 128 -12.53 -18.34 -9.46
CA ASN A 128 -13.58 -19.15 -10.10
C ASN A 128 -13.32 -20.64 -9.89
N GLN A 129 -14.27 -21.45 -10.34
CA GLN A 129 -14.24 -22.93 -10.24
C GLN A 129 -12.92 -23.58 -10.66
N THR A 130 -12.47 -23.19 -11.85
CA THR A 130 -11.24 -23.72 -12.46
C THR A 130 -9.99 -22.92 -12.05
N ASN A 131 -10.18 -21.91 -11.20
CA ASN A 131 -9.11 -21.04 -10.72
C ASN A 131 -8.38 -20.31 -11.85
N SER A 132 -9.07 -20.11 -12.97
CA SER A 132 -8.48 -19.40 -14.12
C SER A 132 -8.38 -17.89 -13.89
N ASN A 133 -9.11 -17.34 -12.92
CA ASN A 133 -9.02 -15.89 -12.66
C ASN A 133 -8.17 -15.61 -11.41
N TYR A 134 -7.32 -16.57 -11.04
CA TYR A 134 -6.45 -16.44 -9.91
C TYR A 134 -5.62 -15.15 -9.91
N VAL A 135 -4.97 -14.84 -11.03
CA VAL A 135 -4.15 -13.63 -11.08
C VAL A 135 -4.93 -12.35 -10.82
N ASP A 136 -6.10 -12.22 -11.42
CA ASP A 136 -6.93 -11.05 -11.26
C ASP A 136 -7.45 -10.96 -9.85
N SER A 137 -7.83 -12.11 -9.29
CA SER A 137 -8.36 -12.16 -7.96
C SER A 137 -7.27 -11.86 -6.93
N ALA A 138 -6.07 -12.37 -7.16
CA ALA A 138 -4.96 -12.12 -6.26
C ALA A 138 -4.57 -10.65 -6.28
N GLN A 139 -4.54 -10.04 -7.45
CA GLN A 139 -4.19 -8.64 -7.54
C GLN A 139 -5.22 -7.78 -6.81
N LEU A 140 -6.50 -8.11 -6.97
CA LEU A 140 -7.55 -7.37 -6.30
C LEU A 140 -7.36 -7.49 -4.77
N ALA A 141 -7.04 -8.70 -4.34
CA ALA A 141 -6.83 -8.98 -2.92
C ALA A 141 -5.68 -8.12 -2.36
N PHE A 142 -4.60 -7.97 -3.15
CA PHE A 142 -3.49 -7.12 -2.75
C PHE A 142 -3.96 -5.69 -2.65
N GLU A 143 -4.73 -5.23 -3.62
CA GLU A 143 -5.21 -3.83 -3.59
C GLU A 143 -6.03 -3.53 -2.34
N LYS A 144 -6.85 -4.46 -1.94
CA LYS A 144 -7.63 -4.28 -0.71
C LYS A 144 -6.76 -4.31 0.53
N ALA A 145 -5.81 -5.22 0.57
CA ALA A 145 -4.87 -5.28 1.67
C ALA A 145 -4.10 -3.95 1.77
N LEU A 146 -3.54 -3.50 0.66
CA LEU A 146 -2.76 -2.23 0.70
C LEU A 146 -3.56 -1.06 1.22
N ILE A 147 -4.77 -0.91 0.67
CA ILE A 147 -5.64 0.20 1.06
C ILE A 147 -6.03 0.11 2.51
N LYS A 148 -6.20 -1.11 2.99
CA LYS A 148 -6.55 -1.34 4.38
C LYS A 148 -5.36 -0.95 5.27
N ALA A 149 -4.17 -1.32 4.85
CA ALA A 149 -2.97 -0.97 5.60
C ALA A 149 -2.83 0.54 5.62
N GLN A 150 -3.05 1.19 4.48
CA GLN A 150 -2.93 2.66 4.44
C GLN A 150 -3.92 3.33 5.35
N ALA A 151 -5.12 2.79 5.39
CA ALA A 151 -6.19 3.39 6.17
C ALA A 151 -5.95 3.22 7.66
N GLU A 152 -5.39 2.08 8.04
CA GLU A 152 -5.07 1.83 9.45
C GLU A 152 -3.94 2.71 9.97
N TYR A 153 -2.97 2.97 9.11
CA TYR A 153 -1.88 3.88 9.44
C TYR A 153 -2.46 5.29 9.67
N ILE A 154 -3.31 5.76 8.78
CA ILE A 154 -3.92 7.09 8.95
C ILE A 154 -4.74 7.17 10.23
N SER A 155 -5.51 6.13 10.49
CA SER A 155 -6.32 6.06 11.69
C SER A 155 -5.46 6.12 12.95
N PHE A 156 -4.34 5.43 12.90
CA PHE A 156 -3.38 5.40 13.99
C PHE A 156 -2.77 6.81 14.17
N ILE A 157 -2.39 7.44 13.08
CA ILE A 157 -1.90 8.81 13.15
C ILE A 157 -2.95 9.76 13.75
N SER A 158 -4.21 9.62 13.35
CA SER A 158 -5.27 10.53 13.85
C SER A 158 -5.49 10.46 15.35
N ALA A 159 -5.22 9.30 15.95
CA ALA A 159 -5.39 9.11 17.38
C ALA A 159 -4.22 9.68 18.22
N ASN A 160 -2.99 9.54 17.71
CA ASN A 160 -1.80 9.99 18.42
C ASN A 160 -1.26 11.33 17.93
N ALA A 201 -20.09 43.06 13.24
CA ALA A 201 -20.16 41.62 13.49
C ALA A 201 -19.62 41.28 14.89
N LEU A 202 -20.47 40.65 15.69
CA LEU A 202 -20.15 40.27 17.08
C LEU A 202 -19.34 38.96 17.12
N ASP A 203 -18.58 38.74 18.19
CA ASP A 203 -17.73 37.53 18.32
C ASP A 203 -18.56 36.30 18.10
N GLU A 204 -19.67 36.25 18.80
CA GLU A 204 -20.62 35.14 18.67
C GLU A 204 -21.04 34.85 17.22
N ALA A 205 -21.33 35.87 16.43
CA ALA A 205 -21.77 35.66 15.06
C ALA A 205 -20.62 35.18 14.18
N LYS A 206 -19.41 35.62 14.47
CA LYS A 206 -18.26 35.12 13.70
C LYS A 206 -18.00 33.68 14.04
N LEU A 207 -18.24 33.29 15.30
CA LEU A 207 -18.13 31.87 15.67
C LEU A 207 -19.13 31.09 14.86
N ASP A 208 -20.39 31.50 14.91
CA ASP A 208 -21.45 30.84 14.15
C ASP A 208 -21.08 30.67 12.68
N ASN A 209 -20.50 31.71 12.06
CA ASN A 209 -20.09 31.60 10.67
C ASN A 209 -19.04 30.47 10.50
N GLN A 210 -18.11 30.40 11.43
CA GLN A 210 -17.06 29.38 11.35
C GLN A 210 -17.64 27.99 11.54
N LEU A 211 -18.61 27.85 12.43
CA LEU A 211 -19.25 26.55 12.59
C LEU A 211 -19.94 26.16 11.30
N LYS A 212 -20.72 27.06 10.72
CA LYS A 212 -21.44 26.76 9.50
C LYS A 212 -20.50 26.45 8.37
N GLU A 213 -19.36 27.12 8.33
CA GLU A 213 -18.39 26.83 7.28
C GLU A 213 -17.99 25.36 7.31
N GLN A 214 -17.87 24.82 8.52
CA GLN A 214 -17.48 23.43 8.75
C GLN A 214 -18.68 22.50 8.69
N GLY A 215 -19.85 22.99 8.31
CA GLY A 215 -21.04 22.15 8.22
C GLY A 215 -21.82 21.93 9.50
N LEU A 216 -21.34 22.50 10.61
CA LEU A 216 -22.03 22.36 11.90
C LEU A 216 -23.19 23.34 12.04
N ASN A 217 -24.15 23.02 12.90
CA ASN A 217 -25.30 23.89 13.14
C ASN A 217 -25.15 24.54 14.52
N PRO A 218 -24.94 25.88 14.55
CA PRO A 218 -24.78 26.62 15.82
C PRO A 218 -25.90 26.39 16.86
N ASN A 219 -27.09 26.05 16.39
CA ASN A 219 -28.21 25.80 17.30
C ASN A 219 -28.02 24.50 18.08
N ASP A 220 -27.29 23.55 17.51
CA ASP A 220 -27.01 22.28 18.18
C ASP A 220 -26.18 22.48 19.45
N PHE A 221 -25.71 23.71 19.68
CA PHE A 221 -24.91 24.04 20.85
C PHE A 221 -25.57 25.21 21.58
N ALA A 222 -25.53 25.19 22.91
CA ALA A 222 -26.19 26.22 23.71
C ALA A 222 -25.29 27.31 24.32
N THR A 223 -23.99 27.08 24.39
CA THR A 223 -23.06 28.04 24.98
C THR A 223 -22.03 28.45 23.94
N PRO A 224 -21.38 29.62 24.12
CA PRO A 224 -20.31 29.92 23.18
C PRO A 224 -19.08 29.03 23.45
N GLU A 225 -18.89 28.56 24.69
CA GLU A 225 -17.78 27.66 25.01
C GLU A 225 -18.01 26.31 24.35
N GLU A 226 -19.26 25.93 24.22
CA GLU A 226 -19.61 24.66 23.61
C GLU A 226 -19.36 24.77 22.10
N LYS A 227 -19.61 25.96 21.56
CA LYS A 227 -19.36 26.21 20.15
C LYS A 227 -17.86 26.26 19.88
N LYS A 228 -17.13 26.94 20.75
CA LYS A 228 -15.67 27.05 20.60
C LYS A 228 -14.95 25.69 20.60
N LYS A 229 -15.40 24.77 21.43
CA LYS A 229 -14.74 23.45 21.52
C LYS A 229 -15.09 22.54 20.37
N ALA A 230 -16.35 22.61 19.92
CA ALA A 230 -16.80 21.78 18.81
C ALA A 230 -16.02 22.18 17.59
N LEU A 231 -15.64 23.46 17.55
CA LEU A 231 -14.88 24.05 16.47
C LEU A 231 -13.41 23.68 16.51
N LEU A 232 -12.77 23.82 17.67
N LEU A 232 -12.77 23.84 17.66
CA LEU A 232 -11.35 23.46 17.79
CA LEU A 232 -11.36 23.47 17.79
C LEU A 232 -11.21 21.97 17.55
C LEU A 232 -11.20 21.97 17.57
N SER A 233 -12.20 21.21 18.02
CA SER A 233 -12.23 19.76 17.83
C SER A 233 -12.27 19.41 16.35
N GLN A 234 -13.11 20.10 15.60
CA GLN A 234 -13.17 19.89 14.16
C GLN A 234 -11.83 20.16 13.55
N GLN A 235 -11.18 21.24 13.96
CA GLN A 235 -9.87 21.59 13.42
C GLN A 235 -8.76 20.58 13.78
N MSE A 236 -8.75 20.05 15.00
N MSE A 236 -8.80 20.06 15.00
CA MSE A 236 -7.73 19.06 15.35
CA MSE A 236 -7.82 19.06 15.46
C MSE A 236 -7.96 17.82 14.52
C MSE A 236 -7.97 17.83 14.60
O MSE A 236 -7.01 17.22 14.02
O MSE A 236 -6.99 17.23 14.16
CB MSE A 236 -7.69 18.72 16.84
CB MSE A 236 -8.04 18.75 16.95
CG MSE A 236 -7.20 19.90 17.71
CG MSE A 236 -7.75 19.97 17.83
SE MSE A 236 -5.59 20.81 16.99
SE MSE A 236 -8.22 19.71 19.74
CE MSE A 236 -6.41 22.54 16.48
CE MSE A 236 -7.91 17.76 19.81
N THR A 237 -9.22 17.43 14.35
CA THR A 237 -9.54 16.25 13.51
C THR A 237 -9.06 16.42 12.08
N ILE A 238 -9.25 17.61 11.51
CA ILE A 238 -8.80 17.85 10.13
C ILE A 238 -7.27 17.85 10.07
N LYS A 239 -6.65 18.50 11.06
CA LYS A 239 -5.19 18.58 11.18
C LYS A 239 -4.61 17.15 11.20
N SER A 240 -5.13 16.30 12.08
CA SER A 240 -4.73 14.90 12.18
C SER A 240 -4.74 14.14 10.87
N LEU A 241 -5.86 14.24 10.16
CA LEU A 241 -6.05 13.55 8.90
C LEU A 241 -5.15 14.05 7.80
N THR A 242 -4.96 15.36 7.75
CA THR A 242 -4.09 15.98 6.76
C THR A 242 -2.67 15.48 6.96
N THR A 243 -2.25 15.30 8.21
CA THR A 243 -0.92 14.84 8.48
C THR A 243 -0.81 13.39 8.01
N GLY A 244 -1.84 12.59 8.34
CA GLY A 244 -1.92 11.21 7.93
C GLY A 244 -1.92 10.97 6.42
N PHE A 245 -2.73 11.71 5.67
CA PHE A 245 -2.73 11.56 4.21
C PHE A 245 -1.42 12.04 3.61
N GLY A 246 -0.85 13.12 4.16
CA GLY A 246 0.43 13.64 3.67
C GLY A 246 1.58 12.64 3.84
N ASN A 247 1.55 11.84 4.91
CA ASN A 247 2.59 10.86 5.18
C ASN A 247 2.52 9.58 4.37
N LEU A 248 1.45 9.36 3.61
CA LEU A 248 1.33 8.13 2.84
C LEU A 248 2.49 7.86 1.95
N SER A 249 3.09 8.92 1.45
CA SER A 249 4.24 8.80 0.59
C SER A 249 5.42 8.16 1.32
N GLY A 250 5.37 8.07 2.65
CA GLY A 250 6.43 7.42 3.44
C GLY A 250 6.02 6.01 3.89
N LEU A 251 4.76 5.65 3.67
CA LEU A 251 4.28 4.31 4.05
C LEU A 251 4.58 3.38 2.88
N LEU A 252 5.50 2.47 3.06
CA LEU A 252 5.98 1.62 1.98
C LEU A 252 5.78 0.11 2.24
N PRO A 253 5.36 -0.66 1.21
CA PRO A 253 5.27 -2.10 1.44
C PRO A 253 6.65 -2.69 1.46
N ILE A 254 6.90 -3.68 2.29
N ILE A 254 6.88 -3.66 2.34
CA ILE A 254 8.22 -4.29 2.28
CA ILE A 254 8.22 -4.28 2.45
C ILE A 254 8.22 -5.77 2.04
C ILE A 254 8.22 -5.76 2.11
N LYS A 255 7.06 -6.41 2.25
CA LYS A 255 6.91 -7.81 2.04
C LYS A 255 5.44 -8.15 1.84
N THR A 256 5.15 -9.02 0.88
CA THR A 256 3.79 -9.49 0.66
C THR A 256 3.82 -10.99 0.71
N PHE A 257 2.66 -11.60 0.98
CA PHE A 257 2.49 -13.04 1.07
C PHE A 257 1.16 -13.45 0.45
N VAL A 258 1.10 -14.64 -0.14
CA VAL A 258 -0.14 -15.11 -0.76
C VAL A 258 -0.53 -16.48 -0.24
N VAL A 259 -1.82 -16.67 -0.01
CA VAL A 259 -2.35 -17.94 0.41
C VAL A 259 -3.64 -18.26 -0.35
N GLU A 260 -3.80 -19.50 -0.77
CA GLU A 260 -5.04 -19.94 -1.39
C GLU A 260 -5.74 -20.92 -0.46
N LYS A 261 -6.96 -20.58 -0.07
CA LYS A 261 -7.79 -21.45 0.75
C LYS A 261 -9.27 -21.20 0.55
N ASP A 262 -10.01 -22.28 0.61
CA ASP A 262 -11.46 -22.25 0.55
C ASP A 262 -12.00 -21.44 -0.61
N GLY A 263 -11.50 -21.70 -1.81
CA GLY A 263 -11.97 -20.97 -2.98
C GLY A 263 -11.58 -19.50 -3.06
N ASN A 264 -10.67 -19.05 -2.21
CA ASN A 264 -10.18 -17.65 -2.25
C ASN A 264 -8.72 -17.51 -2.39
N ALA A 265 -8.32 -16.30 -2.77
CA ALA A 265 -6.94 -15.93 -2.81
C ALA A 265 -6.86 -14.86 -1.75
N ALA A 266 -5.90 -14.97 -0.86
CA ALA A 266 -5.72 -14.02 0.22
C ALA A 266 -4.28 -13.49 0.18
N ILE A 267 -4.16 -12.18 0.30
CA ILE A 267 -2.84 -11.54 0.29
C ILE A 267 -2.61 -10.79 1.60
N GLY A 268 -1.39 -10.87 2.15
CA GLY A 268 -1.03 -10.10 3.32
C GLY A 268 0.09 -9.15 2.91
N VAL A 269 0.09 -7.96 3.47
CA VAL A 269 1.13 -6.99 3.14
C VAL A 269 1.60 -6.42 4.46
N VAL A 270 2.92 -6.31 4.59
CA VAL A 270 3.56 -5.72 5.73
C VAL A 270 4.08 -4.39 5.20
N VAL A 271 3.72 -3.30 5.88
CA VAL A 271 4.19 -1.96 5.50
C VAL A 271 5.01 -1.31 6.65
N ILE A 272 5.91 -0.39 6.30
CA ILE A 272 6.69 0.35 7.25
C ILE A 272 6.58 1.82 6.88
N TYR A 273 6.71 2.71 7.85
CA TYR A 273 6.71 4.14 7.59
C TYR A 273 8.13 4.67 7.74
N SER A 274 8.53 5.55 6.84
CA SER A 274 9.86 6.15 6.88
C SER A 274 9.83 7.62 6.48
N ASP A 275 10.21 8.51 7.40
CA ASP A 275 10.34 9.94 7.07
C ASP A 275 11.30 10.14 5.92
N LYS A 276 12.39 9.40 5.93
CA LYS A 276 13.40 9.53 4.88
C LYS A 276 12.81 9.21 3.52
N ILE A 277 12.03 8.13 3.44
CA ILE A 277 11.35 7.77 2.20
C ILE A 277 10.36 8.89 1.85
N LYS A 278 9.62 9.39 2.83
CA LYS A 278 8.72 10.51 2.54
C LYS A 278 9.53 11.71 1.98
N GLY A 279 10.66 12.02 2.62
CA GLY A 279 11.52 13.13 2.22
C GLY A 279 12.21 12.92 0.88
N MSE A 280 12.52 11.68 0.55
CA MSE A 280 13.14 11.36 -0.71
C MSE A 280 12.18 11.70 -1.83
O MSE A 280 12.56 12.34 -2.80
CB MSE A 280 13.51 9.89 -0.71
CG MSE A 280 14.23 9.48 -1.99
SE MSE A 280 13.91 7.57 -2.29
CE MSE A 280 11.99 7.54 -2.72
N PHE A 281 10.93 11.26 -1.71
CA PHE A 281 9.94 11.57 -2.76
C PHE A 281 9.62 13.05 -2.91
N GLU A 282 9.59 13.78 -1.80
CA GLU A 282 9.32 15.21 -1.88
C GLU A 282 10.50 15.90 -2.57
N ASP A 283 11.71 15.46 -2.25
CA ASP A 283 12.94 15.99 -2.87
C ASP A 283 13.01 15.57 -4.32
N ILE A 284 12.55 14.36 -4.61
CA ILE A 284 12.50 13.88 -5.99
C ILE A 284 11.51 14.74 -6.77
N LYS A 285 10.43 15.16 -6.12
CA LYS A 285 9.43 16.00 -6.77
C LYS A 285 10.10 17.20 -7.47
N HIS A 286 11.16 17.78 -6.88
CA HIS A 286 11.90 18.89 -7.51
C HIS A 286 13.39 18.86 -7.11
N GLY A 287 13.69 19.01 -5.82
CA GLY A 287 15.06 19.18 -5.29
C GLY A 287 16.19 18.53 -6.09
N ASN A 288 16.46 17.26 -5.80
CA ASN A 288 17.52 16.50 -6.50
C ASN A 288 16.98 15.57 -7.58
N GLY A 297 24.22 -0.87 -1.99
CA GLY A 297 23.77 -0.67 -3.36
C GLY A 297 24.08 -1.85 -4.28
N GLN A 298 23.10 -2.20 -5.13
CA GLN A 298 23.24 -3.32 -6.07
C GLN A 298 22.16 -3.29 -7.18
N SER A 299 22.54 -3.72 -8.37
CA SER A 299 21.64 -3.75 -9.53
C SER A 299 20.32 -4.53 -9.29
N PRO A 300 19.21 -4.06 -9.89
CA PRO A 300 17.93 -4.75 -9.74
C PRO A 300 17.91 -6.16 -10.32
N SER A 301 18.49 -6.34 -11.51
CA SER A 301 18.55 -7.66 -12.14
C SER A 301 19.48 -8.59 -11.36
N ASP A 302 20.27 -8.00 -10.46
CA ASP A 302 21.21 -8.76 -9.66
C ASP A 302 20.52 -9.22 -8.35
N LEU A 303 19.50 -8.50 -7.89
CA LEU A 303 18.72 -8.89 -6.69
C LEU A 303 17.75 -10.05 -7.01
N TYR A 304 17.55 -10.32 -8.31
CA TYR A 304 16.69 -11.43 -8.77
C TYR A 304 17.63 -12.42 -9.40
N LYS A 305 18.57 -12.86 -8.55
CA LYS A 305 19.65 -13.77 -8.93
C LYS A 305 19.23 -15.07 -9.61
N ASP A 306 18.94 -16.12 -8.85
CA ASP A 306 18.29 -17.29 -9.40
C ASP A 306 16.94 -17.43 -8.71
N LYS A 307 16.24 -16.31 -8.60
CA LYS A 307 14.92 -16.27 -7.98
C LYS A 307 13.96 -16.87 -9.04
N SER A 308 13.56 -18.11 -8.81
CA SER A 308 12.66 -18.81 -9.70
C SER A 308 11.23 -18.24 -9.67
N GLY A 309 10.40 -18.72 -10.60
CA GLY A 309 9.02 -18.27 -10.72
C GLY A 309 8.22 -18.46 -9.45
N GLU A 310 8.38 -19.63 -8.85
CA GLU A 310 7.73 -19.95 -7.61
C GLU A 310 8.15 -18.94 -6.54
N ASP A 311 9.43 -18.56 -6.52
CA ASP A 311 9.91 -17.61 -5.54
C ASP A 311 9.30 -16.23 -5.71
N MSE A 312 8.70 -15.95 -6.86
CA MSE A 312 8.15 -14.62 -7.13
C MSE A 312 6.67 -14.54 -6.99
O MSE A 312 6.09 -13.45 -7.09
CB MSE A 312 8.36 -14.26 -8.58
CG MSE A 312 9.77 -14.49 -9.10
SE MSE A 312 10.92 -12.96 -8.67
CE MSE A 312 9.76 -11.42 -9.08
N MSE A 313 6.01 -15.68 -6.78
CA MSE A 313 4.56 -15.72 -6.77
C MSE A 313 3.89 -14.86 -5.74
O MSE A 313 2.74 -14.42 -5.94
CB MSE A 313 4.09 -17.15 -6.55
CG MSE A 313 4.25 -17.98 -7.80
SE MSE A 313 2.79 -17.62 -9.11
CE MSE A 313 1.46 -18.78 -8.21
N GLY A 314 4.59 -14.61 -4.63
CA GLY A 314 4.03 -13.86 -3.51
C GLY A 314 4.29 -12.40 -3.51
N ASP A 315 5.05 -11.95 -4.50
CA ASP A 315 5.42 -10.56 -4.68
C ASP A 315 4.36 -9.73 -5.43
N TYR A 316 3.78 -8.80 -4.67
CA TYR A 316 2.78 -7.87 -5.16
C TYR A 316 3.16 -6.42 -4.76
N GLY A 317 2.66 -5.45 -5.51
CA GLY A 317 2.90 -4.06 -5.20
C GLY A 317 4.21 -3.51 -5.69
N ILE A 318 4.66 -2.44 -5.03
CA ILE A 318 5.89 -1.78 -5.38
C ILE A 318 6.90 -1.90 -4.24
N ARG A 319 8.17 -1.69 -4.57
CA ARG A 319 9.25 -1.72 -3.58
C ARG A 319 10.23 -0.65 -3.95
N VAL A 320 10.94 -0.13 -2.96
CA VAL A 320 11.97 0.83 -3.22
C VAL A 320 13.27 0.15 -2.93
N GLY A 321 14.21 0.32 -3.86
CA GLY A 321 15.54 -0.23 -3.70
C GLY A 321 16.55 0.85 -4.09
N PHE A 322 17.83 0.48 -3.99
CA PHE A 322 18.94 1.38 -4.29
C PHE A 322 19.99 0.61 -5.05
N GLY A 323 20.38 1.10 -6.22
CA GLY A 323 21.35 0.40 -7.08
C GLY A 323 22.82 0.65 -6.75
N GLU A 324 23.70 0.07 -7.57
CA GLU A 324 25.16 0.20 -7.43
C GLU A 324 25.56 1.65 -7.16
N ASP A 325 25.11 2.53 -8.04
CA ASP A 325 25.39 3.98 -7.97
C ASP A 325 24.76 4.75 -6.78
N ASN A 326 24.16 4.04 -5.82
CA ASN A 326 23.48 4.66 -4.65
C ASN A 326 22.17 5.40 -5.03
N LYS A 327 21.63 5.11 -6.22
CA LYS A 327 20.38 5.72 -6.71
C LYS A 327 19.14 4.90 -6.40
N PRO A 328 18.09 5.55 -5.89
CA PRO A 328 16.87 4.83 -5.61
C PRO A 328 16.11 4.51 -6.88
N TYR A 329 15.41 3.41 -6.85
CA TYR A 329 14.60 3.04 -7.98
C TYR A 329 13.38 2.35 -7.40
N ILE A 330 12.33 2.29 -8.19
CA ILE A 330 11.12 1.67 -7.74
C ILE A 330 10.82 0.44 -8.59
N LEU A 331 10.58 -0.69 -7.92
CA LEU A 331 10.25 -1.92 -8.62
C LEU A 331 8.77 -2.10 -8.48
N ALA A 332 8.15 -2.68 -9.49
CA ALA A 332 6.73 -2.94 -9.51
C ALA A 332 6.55 -4.34 -10.03
N TYR A 333 5.82 -5.15 -9.27
CA TYR A 333 5.53 -6.53 -9.64
C TYR A 333 4.22 -6.65 -10.35
N GLY A 334 4.11 -7.65 -11.21
CA GLY A 334 2.87 -7.87 -11.94
C GLY A 334 2.81 -9.28 -12.44
N GLN A 335 1.61 -9.82 -12.58
CA GLN A 335 1.42 -11.18 -13.06
C GLN A 335 0.31 -11.22 -14.07
N GLY A 336 0.36 -12.23 -14.95
CA GLY A 336 -0.66 -12.45 -15.96
C GLY A 336 -0.76 -13.94 -16.20
N SER A 337 -1.74 -14.37 -17.01
CA SER A 337 -1.91 -15.77 -17.32
C SER A 337 -2.59 -15.89 -18.68
N TYR A 338 -2.62 -17.11 -19.22
CA TYR A 338 -3.25 -17.35 -20.53
C TYR A 338 -4.43 -18.31 -20.45
N SER A 347 4.17 -18.37 -28.73
CA SER A 347 3.35 -18.96 -27.68
C SER A 347 2.63 -17.89 -26.87
N ALA A 348 1.82 -18.33 -25.92
CA ALA A 348 1.05 -17.45 -25.05
C ALA A 348 1.90 -16.65 -24.04
N GLY A 349 3.21 -16.91 -24.02
CA GLY A 349 4.12 -16.16 -23.16
C GLY A 349 4.02 -14.71 -23.57
N ASP A 350 4.13 -14.46 -24.88
CA ASP A 350 4.01 -13.13 -25.45
C ASP A 350 2.91 -12.36 -24.70
N TYR A 351 1.75 -13.00 -24.58
CA TYR A 351 0.59 -12.39 -23.96
C TYR A 351 0.59 -12.27 -22.44
N GLY A 352 1.14 -13.27 -21.76
CA GLY A 352 1.19 -13.25 -20.31
C GLY A 352 2.07 -12.14 -19.79
N TYR A 353 3.23 -11.97 -20.40
CA TYR A 353 4.13 -10.92 -19.99
C TYR A 353 3.51 -9.55 -20.24
N LYS A 354 2.80 -9.40 -21.35
CA LYS A 354 2.14 -8.13 -21.65
C LYS A 354 1.14 -7.79 -20.55
N GLN A 355 0.25 -8.72 -20.20
CA GLN A 355 -0.75 -8.46 -19.16
C GLN A 355 -0.17 -8.36 -17.77
N ALA A 356 0.99 -8.95 -17.56
CA ALA A 356 1.68 -8.83 -16.29
C ALA A 356 2.20 -7.39 -16.16
N ALA A 357 2.56 -6.77 -17.27
CA ALA A 357 3.02 -5.37 -17.26
C ALA A 357 1.85 -4.41 -17.00
N ILE A 358 0.64 -4.81 -17.36
CA ILE A 358 -0.54 -4.00 -17.09
C ILE A 358 -0.72 -3.85 -15.59
N MSE A 359 -0.57 -4.95 -14.85
N MSE A 359 -0.57 -4.96 -14.87
CA MSE A 359 -0.75 -4.93 -13.39
CA MSE A 359 -0.70 -5.00 -13.41
C MSE A 359 0.38 -4.19 -12.76
C MSE A 359 0.38 -4.22 -12.76
O MSE A 359 0.16 -3.36 -11.88
O MSE A 359 0.13 -3.41 -11.85
CB MSE A 359 -0.92 -6.32 -12.77
CB MSE A 359 -0.61 -6.46 -12.92
CG MSE A 359 -2.09 -7.16 -13.35
CG MSE A 359 -0.46 -6.57 -11.41
SE MSE A 359 -3.88 -6.36 -13.06
SE MSE A 359 -0.65 -8.44 -10.77
CE MSE A 359 -5.04 -7.92 -13.39
CE MSE A 359 -2.10 -8.89 -12.03
N ALA A 360 1.62 -4.44 -13.20
CA ALA A 360 2.78 -3.75 -12.64
C ALA A 360 2.66 -2.24 -12.79
N ARG A 361 2.14 -1.81 -13.94
CA ARG A 361 1.96 -0.42 -14.22
C ARG A 361 0.88 0.18 -13.31
N ALA A 362 -0.24 -0.52 -13.15
CA ALA A 362 -1.29 -0.05 -12.28
C ALA A 362 -0.76 0.13 -10.84
N ASN A 363 0.18 -0.71 -10.43
CA ASN A 363 0.79 -0.57 -9.11
C ASN A 363 1.53 0.78 -8.98
N LEU A 364 2.21 1.19 -10.04
CA LEU A 364 2.90 2.47 -10.05
C LEU A 364 1.91 3.63 -10.07
N VAL A 365 0.83 3.51 -10.83
CA VAL A 365 -0.19 4.55 -10.87
C VAL A 365 -0.76 4.81 -9.48
N THR A 366 -1.07 3.74 -8.76
CA THR A 366 -1.58 3.85 -7.41
C THR A 366 -0.56 4.49 -6.42
N LEU A 367 0.70 4.18 -6.63
CA LEU A 367 1.77 4.72 -5.82
C LEU A 367 1.85 6.24 -5.98
N ILE A 368 1.85 6.65 -7.23
CA ILE A 368 1.95 8.07 -7.56
C ILE A 368 0.74 8.84 -7.06
N ALA A 369 -0.45 8.27 -7.20
CA ALA A 369 -1.67 8.90 -6.71
C ALA A 369 -1.61 9.11 -5.21
N GLY A 370 -0.99 8.15 -4.51
CA GLY A 370 -0.88 8.22 -3.04
C GLY A 370 -0.01 9.34 -2.52
N GLN A 371 0.83 9.88 -3.39
CA GLN A 371 1.74 10.97 -3.07
C GLN A 371 1.05 12.23 -3.49
N MSE A 372 -0.07 12.51 -2.84
CA MSE A 372 -0.92 13.66 -3.17
C MSE A 372 -0.47 14.98 -2.61
O MSE A 372 0.26 15.05 -1.62
CB MSE A 372 -2.30 13.40 -2.58
CG MSE A 372 -2.29 13.45 -1.07
SE MSE A 372 -3.99 12.69 -0.46
CE MSE A 372 -3.54 10.77 -0.57
N SER A 373 -0.97 16.05 -3.23
CA SER A 373 -0.64 17.39 -2.78
C SER A 373 -1.24 17.63 -1.40
N THR A 374 -0.77 18.71 -0.76
CA THR A 374 -1.26 19.09 0.56
C THR A 374 -2.73 19.50 0.49
N GLN A 375 -3.13 20.10 -0.63
N GLN A 375 -3.11 20.11 -0.64
CA GLN A 375 -4.51 20.53 -0.78
CA GLN A 375 -4.47 20.55 -0.88
C GLN A 375 -5.40 19.30 -0.99
C GLN A 375 -5.40 19.34 -1.04
N GLU A 376 -4.93 18.32 -1.76
CA GLU A 376 -5.72 17.08 -1.98
C GLU A 376 -5.92 16.31 -0.68
N ALA A 377 -4.93 16.37 0.20
CA ALA A 377 -5.01 15.75 1.51
C ALA A 377 -6.09 16.46 2.36
N LEU A 378 -6.15 17.79 2.26
CA LEU A 378 -7.13 18.59 3.01
C LEU A 378 -8.57 18.31 2.56
N THR A 379 -8.79 18.26 1.26
CA THR A 379 -10.11 18.01 0.72
C THR A 379 -10.64 16.65 1.17
N MSE A 380 -9.76 15.65 1.21
CA MSE A 380 -10.16 14.33 1.65
C MSE A 380 -10.47 14.30 3.12
O MSE A 380 -11.36 13.58 3.55
CB MSE A 380 -9.05 13.32 1.42
CG MSE A 380 -8.98 12.88 -0.03
SE MSE A 380 -7.92 11.25 -0.01
CE MSE A 380 -9.42 10.09 0.49
N SER A 381 -9.68 15.03 3.91
CA SER A 381 -9.91 15.09 5.34
C SER A 381 -11.22 15.83 5.66
N GLU A 382 -11.52 16.86 4.88
CA GLU A 382 -12.77 17.62 5.08
C GLU A 382 -13.96 16.76 4.68
N ASP A 383 -13.81 16.10 3.53
CA ASP A 383 -14.85 15.26 2.96
C ASP A 383 -15.19 14.07 3.88
N ILE A 384 -14.22 13.61 4.67
CA ILE A 384 -14.45 12.50 5.61
C ILE A 384 -15.11 12.93 6.91
N SER A 385 -14.68 14.06 7.47
CA SER A 385 -15.24 14.58 8.73
C SER A 385 -16.76 14.90 8.77
N SER A 386 -17.40 14.96 7.61
CA SER A 386 -18.84 15.25 7.54
C SER A 386 -19.66 14.02 7.95
N ARG A 399 -9.54 9.03 17.69
CA ARG A 399 -9.29 8.13 16.57
C ARG A 399 -10.47 8.18 15.60
N ILE A 400 -10.18 7.90 14.33
CA ILE A 400 -11.17 7.88 13.27
C ILE A 400 -11.22 6.46 12.72
N ASP A 401 -12.41 5.95 12.43
CA ASP A 401 -12.57 4.59 11.90
C ASP A 401 -11.86 4.41 10.58
N ALA A 402 -10.99 3.43 10.54
CA ALA A 402 -10.23 3.09 9.32
C ALA A 402 -11.16 2.66 8.20
N THR A 403 -12.29 2.03 8.54
CA THR A 403 -13.22 1.57 7.54
C THR A 403 -13.81 2.75 6.76
N ASP A 404 -13.98 3.89 7.44
CA ASP A 404 -14.44 5.11 6.79
C ASP A 404 -13.36 5.69 5.86
N ILE A 405 -12.11 5.65 6.33
CA ILE A 405 -10.98 6.18 5.57
C ILE A 405 -10.74 5.36 4.33
N GLU A 406 -10.94 4.07 4.47
CA GLU A 406 -10.70 3.08 3.44
C GLU A 406 -11.58 3.28 2.17
N LYS A 407 -12.87 3.54 2.36
CA LYS A 407 -13.74 3.74 1.20
C LYS A 407 -13.41 5.08 0.53
N THR A 408 -13.22 6.12 1.34
CA THR A 408 -12.85 7.43 0.83
C THR A 408 -11.55 7.36 0.03
N LEU A 409 -10.62 6.57 0.50
CA LEU A 409 -9.34 6.42 -0.15
C LEU A 409 -9.51 5.58 -1.43
N SER A 410 -10.29 4.51 -1.31
CA SER A 410 -10.60 3.67 -2.45
C SER A 410 -11.29 4.50 -3.56
N THR A 411 -12.13 5.43 -3.14
CA THR A 411 -12.85 6.28 -4.08
C THR A 411 -11.83 7.14 -4.82
N TYR A 412 -10.94 7.78 -4.05
CA TYR A 412 -9.92 8.67 -4.58
C TYR A 412 -9.02 7.98 -5.58
N TYR A 413 -8.64 6.72 -5.34
CA TYR A 413 -7.79 6.05 -6.30
C TYR A 413 -8.54 5.76 -7.60
N LYS A 414 -9.80 5.32 -7.49
CA LYS A 414 -10.58 5.01 -8.70
C LYS A 414 -10.82 6.24 -9.54
N THR A 415 -11.03 7.41 -8.93
CA THR A 415 -11.30 8.64 -9.68
C THR A 415 -10.07 9.45 -10.12
N LYS A 416 -8.94 9.38 -9.42
CA LYS A 416 -7.79 10.19 -9.84
C LYS A 416 -7.36 9.89 -11.26
N ALA A 417 -7.04 10.96 -11.98
CA ALA A 417 -6.66 10.90 -13.38
C ALA A 417 -5.29 10.28 -13.64
N ASN A 418 -5.16 9.71 -14.83
CA ASN A 418 -3.95 9.07 -15.30
C ASN A 418 -2.80 10.05 -15.53
N LEU A 419 -1.63 9.50 -15.88
CA LEU A 419 -0.45 10.29 -16.16
C LEU A 419 0.61 9.35 -16.73
N ASP A 420 0.52 9.06 -18.04
CA ASP A 420 1.44 8.11 -18.68
C ASP A 420 2.82 8.07 -18.01
N ILE A 421 3.17 6.89 -17.49
CA ILE A 421 4.43 6.67 -16.80
C ILE A 421 5.51 6.51 -17.86
N VAL A 422 6.58 7.28 -17.74
CA VAL A 422 7.68 7.22 -18.72
C VAL A 422 8.86 6.42 -18.20
N GLY A 423 9.57 5.77 -19.12
CA GLY A 423 10.76 5.03 -18.79
C GLY A 423 10.52 3.88 -17.85
N LEU A 424 9.91 2.83 -18.38
CA LEU A 424 9.66 1.64 -17.62
C LEU A 424 10.44 0.51 -18.23
N LYS A 425 11.45 0.02 -17.53
CA LYS A 425 12.19 -1.10 -18.07
C LYS A 425 11.90 -2.39 -17.31
N THR A 426 11.74 -3.45 -18.08
CA THR A 426 11.49 -4.75 -17.52
C THR A 426 12.82 -5.28 -17.04
N VAL A 427 12.92 -5.67 -15.77
CA VAL A 427 14.19 -6.21 -15.29
C VAL A 427 14.11 -7.67 -14.94
N LYS A 428 12.94 -8.26 -15.08
CA LYS A 428 12.79 -9.67 -14.77
C LYS A 428 11.51 -10.19 -15.36
N ARG A 429 11.55 -11.42 -15.83
CA ARG A 429 10.40 -12.09 -16.40
C ARG A 429 10.50 -13.51 -15.85
N TRP A 430 9.38 -14.12 -15.52
CA TRP A 430 9.37 -15.47 -15.00
C TRP A 430 8.06 -16.16 -15.36
N ARG A 431 8.04 -17.46 -15.17
CA ARG A 431 6.94 -18.30 -15.55
C ARG A 431 6.82 -19.41 -14.54
N TYR A 432 5.61 -19.68 -14.13
CA TYR A 432 5.40 -20.70 -13.16
C TYR A 432 4.16 -21.49 -13.48
N LYS A 433 4.31 -22.77 -13.74
CA LYS A 433 3.16 -23.63 -14.00
C LYS A 433 2.65 -24.05 -12.64
N LEU A 434 1.37 -23.83 -12.40
CA LEU A 434 0.78 -24.22 -11.11
C LEU A 434 0.85 -25.75 -10.95
N PRO A 435 1.17 -26.22 -9.72
CA PRO A 435 1.30 -27.66 -9.48
C PRO A 435 -0.02 -28.39 -9.64
N GLY A 436 0.00 -29.51 -10.37
CA GLY A 436 -1.20 -30.31 -10.59
C GLY A 436 -2.13 -29.82 -11.69
N THR A 437 -2.14 -28.51 -11.93
CA THR A 437 -3.00 -27.89 -12.94
C THR A 437 -2.21 -27.73 -14.24
N GLU A 438 -2.89 -27.26 -15.28
CA GLU A 438 -2.27 -26.99 -16.57
C GLU A 438 -2.07 -25.49 -16.76
N ASN A 439 -2.48 -24.72 -15.76
CA ASN A 439 -2.36 -23.26 -15.85
C ASN A 439 -0.94 -22.77 -15.59
N ILE A 440 -0.67 -21.59 -16.15
CA ILE A 440 0.62 -20.99 -16.07
C ILE A 440 0.45 -19.53 -15.72
N VAL A 441 1.35 -19.06 -14.84
CA VAL A 441 1.38 -17.69 -14.43
C VAL A 441 2.67 -17.08 -14.94
N TYR A 442 2.54 -15.90 -15.52
CA TYR A 442 3.67 -15.18 -16.02
C TYR A 442 3.84 -13.97 -15.14
N GLY A 443 5.04 -13.44 -15.07
CA GLY A 443 5.25 -12.27 -14.25
C GLY A 443 6.37 -11.42 -14.77
N VAL A 444 6.37 -10.17 -14.32
CA VAL A 444 7.40 -9.21 -14.67
C VAL A 444 7.72 -8.38 -13.45
N VAL A 445 8.90 -7.77 -13.50
CA VAL A 445 9.35 -6.82 -12.51
C VAL A 445 9.79 -5.64 -13.33
N LEU A 446 9.11 -4.52 -13.14
CA LEU A 446 9.40 -3.33 -13.87
C LEU A 446 10.15 -2.40 -12.96
N LYS A 447 11.04 -1.59 -13.56
CA LYS A 447 11.83 -0.62 -12.82
C LYS A 447 11.50 0.77 -13.39
N TRP A 448 11.14 1.68 -12.48
CA TRP A 448 10.80 3.04 -12.81
C TRP A 448 11.76 3.98 -12.09
N ASP A 449 12.23 4.98 -12.82
CA ASP A 449 13.15 5.98 -12.29
C ASP A 449 12.45 7.34 -12.30
N PRO A 450 12.10 7.86 -11.11
CA PRO A 450 11.43 9.15 -10.98
C PRO A 450 12.37 10.34 -10.87
#